data_2UUD
#
_entry.id   2UUD
#
_cell.length_a   140.944
_cell.length_b   75.657
_cell.length_c   52.854
_cell.angle_alpha   90.00
_cell.angle_beta   111.33
_cell.angle_gamma   90.00
#
_symmetry.space_group_name_H-M   'C 1 2 1'
#
loop_
_entity.id
_entity.type
_entity.pdbx_description
1 polymer 'NQ10-1.12 ANTI-PHOX ANTIBODY'
2 polymer 'NQ10-1.12 ANTI-PHOX ANTIBODY'
3 polymer 'NQ10-1.12 ANTI-PHOX ANTIBODY'
4 non-polymer '4-{[(Z)-(5-OXO-2-PHENYL-1,3-OXAZOL-4(5H)-YLIDENE)METHYL]AMINO}BUTANOIC ACID'
5 water water
#
loop_
_entity_poly.entity_id
_entity_poly.type
_entity_poly.pdbx_seq_one_letter_code
_entity_poly.pdbx_strand_id
1 'polypeptide(L)'
;EVKLVESGGGLVQPGGSLRLSCATSGFSFTDYYMAWVRQPPGKALEWLAFIRNKANGYTTDYSASVKGRFTISRDNSQSI
LYLQMNTLRAEDSATYYCARGDYYGAWFAYWGQGTLVTVSA
;
H,J
2 'polypeptide(L)'
;QVLMTQTPLSLPVSLGDQASISCRSSQSIVHSNGNTYLEWYLQKPGQSPKLLIYKVSNRFSGVPDRFSGSGSGTDFTLKI
SRVEAEDLGVYYCFQGSHVPYTFGGGTKLEIKR
;
K,L
3 'polypeptide(L)' STSSGGGGSGGGGSGGSA S,T
#
# COMPACT_ATOMS: atom_id res chain seq x y z
N GLU A 1 -1.06 12.79 -3.58
CA GLU A 1 -0.67 11.89 -4.70
C GLU A 1 -1.87 11.59 -5.60
N VAL A 2 -2.53 10.48 -5.34
CA VAL A 2 -3.69 10.09 -6.13
C VAL A 2 -4.85 10.96 -5.73
N LYS A 3 -5.44 11.61 -6.72
CA LYS A 3 -6.57 12.47 -6.48
C LYS A 3 -7.61 12.15 -7.54
N LEU A 4 -8.85 12.01 -7.12
CA LEU A 4 -9.95 11.72 -8.02
C LEU A 4 -11.05 12.67 -7.60
N VAL A 5 -11.44 13.55 -8.51
CA VAL A 5 -12.48 14.52 -8.20
C VAL A 5 -13.59 14.42 -9.23
N GLU A 6 -14.82 14.36 -8.75
CA GLU A 6 -15.97 14.28 -9.63
C GLU A 6 -16.58 15.66 -9.72
N SER A 7 -17.49 15.82 -10.67
CA SER A 7 -18.20 17.08 -10.89
C SER A 7 -19.08 16.92 -12.12
N GLY A 8 -20.20 17.64 -12.15
CA GLY A 8 -21.10 17.55 -13.28
C GLY A 8 -22.51 17.16 -12.89
N GLY A 9 -22.64 16.69 -11.66
CA GLY A 9 -23.95 16.29 -11.18
C GLY A 9 -24.70 17.50 -10.68
N GLY A 10 -26.00 17.38 -10.51
CA GLY A 10 -26.78 18.50 -10.02
C GLY A 10 -28.24 18.13 -9.94
N LEU A 11 -29.11 19.09 -10.26
CA LEU A 11 -30.54 18.85 -10.22
C LEU A 11 -31.01 18.77 -11.65
N VAL A 12 -31.48 17.60 -12.08
CA VAL A 12 -31.94 17.45 -13.44
C VAL A 12 -33.40 17.02 -13.46
N GLN A 13 -34.03 17.16 -14.61
CA GLN A 13 -35.43 16.80 -14.78
C GLN A 13 -35.58 15.37 -15.30
N PRO A 14 -36.66 14.67 -14.89
CA PRO A 14 -36.86 13.29 -15.34
C PRO A 14 -36.55 13.22 -16.82
N GLY A 15 -36.04 12.07 -17.27
CA GLY A 15 -35.67 11.95 -18.67
C GLY A 15 -34.55 12.96 -18.89
N GLY A 16 -33.90 12.94 -20.04
CA GLY A 16 -32.85 13.91 -20.26
C GLY A 16 -31.50 13.46 -19.76
N SER A 17 -30.45 13.99 -20.40
CA SER A 17 -29.07 13.66 -20.10
C SER A 17 -28.32 14.53 -19.10
N LEU A 18 -27.06 14.15 -18.87
CA LEU A 18 -26.15 14.83 -17.96
C LEU A 18 -24.78 14.19 -18.23
N ARG A 19 -23.69 14.90 -17.97
CA ARG A 19 -22.37 14.33 -18.22
C ARG A 19 -21.42 14.49 -17.05
N LEU A 20 -21.18 13.40 -16.32
CA LEU A 20 -20.31 13.41 -15.16
C LEU A 20 -18.87 13.31 -15.57
N SER A 21 -17.99 13.88 -14.76
CA SER A 21 -16.58 13.83 -15.07
C SER A 21 -15.76 13.60 -13.80
N CYS A 22 -14.57 13.06 -13.97
CA CYS A 22 -13.68 12.77 -12.86
C CYS A 22 -12.27 13.12 -13.27
N ALA A 23 -11.66 14.07 -12.57
CA ALA A 23 -10.29 14.45 -12.88
C ALA A 23 -9.31 13.57 -12.11
N THR A 24 -8.18 13.30 -12.74
CA THR A 24 -7.12 12.45 -12.21
C THR A 24 -5.86 13.21 -11.83
N SER A 25 -5.20 12.76 -10.77
CA SER A 25 -3.98 13.38 -10.30
C SER A 25 -3.16 12.34 -9.56
N GLY A 26 -1.87 12.26 -9.86
CA GLY A 26 -0.99 11.34 -9.17
C GLY A 26 -0.73 9.95 -9.73
N PHE A 27 -1.24 9.64 -10.93
CA PHE A 27 -1.02 8.32 -11.47
C PHE A 27 -1.18 8.28 -12.99
N SER A 28 -0.42 7.41 -13.64
CA SER A 28 -0.47 7.31 -15.08
C SER A 28 -1.83 6.77 -15.49
N PHE A 29 -2.82 7.64 -15.38
CA PHE A 29 -4.22 7.37 -15.69
C PHE A 29 -4.50 6.27 -16.72
N THR A 30 -3.64 6.15 -17.71
CA THR A 30 -3.86 5.18 -18.77
C THR A 30 -3.69 3.71 -18.35
N ASP A 31 -2.84 3.48 -17.35
CA ASP A 31 -2.56 2.15 -16.84
C ASP A 31 -3.47 1.68 -15.69
N TYR A 32 -4.71 2.12 -15.66
CA TYR A 32 -5.58 1.72 -14.56
C TYR A 32 -7.05 1.53 -14.89
N TYR A 33 -7.67 0.57 -14.21
CA TYR A 33 -9.09 0.27 -14.38
C TYR A 33 -9.85 1.41 -13.69
N MET A 34 -10.96 1.85 -14.29
CA MET A 34 -11.78 2.92 -13.72
C MET A 34 -13.23 2.48 -13.65
N ALA A 35 -13.99 3.08 -12.72
CA ALA A 35 -15.39 2.75 -12.51
C ALA A 35 -16.23 3.91 -12.06
N TRP A 36 -17.51 3.63 -11.93
CA TRP A 36 -18.48 4.58 -11.43
C TRP A 36 -19.39 3.79 -10.51
N VAL A 37 -19.33 4.08 -9.23
CA VAL A 37 -20.19 3.38 -8.30
C VAL A 37 -21.26 4.39 -7.92
N ARG A 38 -22.44 3.91 -7.59
CA ARG A 38 -23.52 4.82 -7.26
C ARG A 38 -24.25 4.43 -5.99
N GLN A 39 -24.49 5.39 -5.12
CA GLN A 39 -25.20 5.11 -3.88
C GLN A 39 -26.37 6.04 -3.68
N PRO A 40 -27.56 5.59 -4.08
CA PRO A 40 -28.74 6.45 -3.90
C PRO A 40 -28.89 6.78 -2.42
N PRO A 41 -29.39 7.97 -2.11
CA PRO A 41 -29.58 8.41 -0.72
C PRO A 41 -30.10 7.22 0.07
N GLY A 42 -30.89 6.40 -0.61
CA GLY A 42 -31.47 5.20 -0.04
C GLY A 42 -30.43 4.40 0.71
N LYS A 43 -29.72 3.51 0.02
CA LYS A 43 -28.73 2.72 0.72
C LYS A 43 -27.52 2.12 -0.03
N ALA A 44 -27.62 0.84 -0.36
CA ALA A 44 -26.55 0.08 -1.02
C ALA A 44 -25.69 0.75 -2.10
N LEU A 45 -24.43 0.34 -2.14
CA LEU A 45 -23.49 0.81 -3.13
C LEU A 45 -23.89 -0.01 -4.36
N GLU A 46 -23.78 0.58 -5.53
CA GLU A 46 -24.15 -0.12 -6.74
C GLU A 46 -23.22 0.17 -7.91
N TRP A 47 -22.45 -0.83 -8.28
CA TRP A 47 -21.53 -0.69 -9.41
C TRP A 47 -22.36 -0.52 -10.69
N LEU A 48 -21.99 0.45 -11.52
CA LEU A 48 -22.73 0.74 -12.75
C LEU A 48 -22.05 0.28 -14.02
N ALA A 49 -20.81 0.72 -14.19
CA ALA A 49 -20.04 0.37 -15.38
C ALA A 49 -18.57 0.60 -15.08
N PHE A 50 -17.71 -0.24 -15.65
CA PHE A 50 -16.28 -0.15 -15.42
C PHE A 50 -15.45 -0.10 -16.72
N ILE A 51 -14.31 0.61 -16.71
CA ILE A 51 -13.42 0.70 -17.90
C ILE A 51 -11.99 0.28 -17.52
N ARG A 52 -11.37 -0.63 -18.26
CA ARG A 52 -10.00 -1.11 -17.94
C ARG A 52 -8.86 -0.36 -18.62
N ASN A 53 -7.63 -0.65 -18.20
CA ASN A 53 -6.44 0.01 -18.72
C ASN A 53 -5.95 -0.43 -20.11
N LYS A 54 -4.91 0.25 -20.62
CA LYS A 54 -4.36 -0.05 -21.95
C LYS A 54 -3.90 -1.51 -22.04
N ALA A 55 -3.52 -2.05 -20.89
CA ALA A 55 -3.05 -3.42 -20.81
C ALA A 55 -4.16 -4.35 -21.25
N ASN A 56 -5.40 -3.95 -21.01
CA ASN A 56 -6.55 -4.75 -21.37
C ASN A 56 -7.39 -4.20 -22.52
N GLY A 57 -6.77 -3.36 -23.35
CA GLY A 57 -7.48 -2.79 -24.49
C GLY A 57 -8.65 -1.89 -24.18
N TYR A 58 -8.66 -1.29 -22.98
CA TYR A 58 -9.72 -0.38 -22.55
C TYR A 58 -11.13 -0.96 -22.68
N THR A 59 -11.32 -2.22 -22.29
CA THR A 59 -12.64 -2.83 -22.39
C THR A 59 -13.61 -2.13 -21.43
N THR A 60 -14.92 -2.38 -21.59
CA THR A 60 -15.90 -1.73 -20.74
C THR A 60 -17.12 -2.63 -20.49
N ASP A 61 -17.61 -2.66 -19.24
CA ASP A 61 -18.77 -3.48 -18.89
C ASP A 61 -19.73 -2.59 -18.11
N TYR A 62 -21.03 -2.80 -18.29
CA TYR A 62 -22.08 -2.00 -17.63
C TYR A 62 -23.10 -2.88 -16.92
N SER A 63 -23.76 -2.34 -15.90
CA SER A 63 -24.83 -3.08 -15.22
C SER A 63 -25.95 -2.94 -16.23
N ALA A 64 -27.02 -3.71 -16.09
CA ALA A 64 -28.12 -3.59 -17.05
C ALA A 64 -28.95 -2.35 -16.74
N SER A 65 -28.89 -1.90 -15.49
CA SER A 65 -29.62 -0.73 -15.04
C SER A 65 -29.19 0.55 -15.76
N VAL A 66 -28.15 0.42 -16.60
CA VAL A 66 -27.63 1.55 -17.36
C VAL A 66 -27.06 1.09 -18.70
N LYS A 67 -27.25 -0.18 -19.02
CA LYS A 67 -26.74 -0.79 -20.26
C LYS A 67 -26.81 0.06 -21.52
N GLY A 68 -27.99 0.62 -21.81
CA GLY A 68 -28.12 1.44 -23.01
C GLY A 68 -28.11 2.93 -22.75
N ARG A 69 -28.59 3.33 -21.58
CA ARG A 69 -28.65 4.73 -21.22
C ARG A 69 -27.26 5.31 -20.97
N PHE A 70 -26.70 4.98 -19.83
CA PHE A 70 -25.38 5.48 -19.47
C PHE A 70 -24.29 5.02 -20.44
N THR A 71 -23.21 5.79 -20.53
CA THR A 71 -22.05 5.46 -21.37
C THR A 71 -20.78 6.03 -20.73
N ILE A 72 -19.77 5.18 -20.57
CA ILE A 72 -18.51 5.61 -19.98
C ILE A 72 -17.55 6.04 -21.08
N SER A 73 -16.48 6.73 -20.69
CA SER A 73 -15.47 7.21 -21.62
C SER A 73 -14.29 7.69 -20.82
N ARG A 74 -13.14 7.83 -21.46
CA ARG A 74 -11.95 8.28 -20.76
C ARG A 74 -11.03 9.11 -21.63
N ASP A 75 -10.69 10.30 -21.13
CA ASP A 75 -9.81 11.21 -21.83
C ASP A 75 -8.40 10.92 -21.31
N ASN A 76 -7.73 9.98 -21.98
CA ASN A 76 -6.38 9.57 -21.62
C ASN A 76 -5.34 10.68 -21.69
N SER A 77 -5.57 11.67 -22.55
CA SER A 77 -4.62 12.77 -22.67
C SER A 77 -4.80 13.69 -21.49
N GLN A 78 -6.04 14.11 -21.27
CA GLN A 78 -6.39 14.99 -20.15
C GLN A 78 -6.50 14.27 -18.81
N SER A 79 -6.56 12.95 -18.86
CA SER A 79 -6.66 12.12 -17.67
C SER A 79 -7.93 12.40 -16.91
N ILE A 80 -9.05 12.19 -17.59
CA ILE A 80 -10.37 12.38 -17.03
C ILE A 80 -11.30 11.22 -17.42
N LEU A 81 -12.24 10.91 -16.54
CA LEU A 81 -13.20 9.84 -16.79
C LEU A 81 -14.59 10.49 -16.82
N TYR A 82 -15.41 10.10 -17.77
CA TYR A 82 -16.74 10.67 -17.92
C TYR A 82 -17.82 9.60 -17.85
N LEU A 83 -19.03 10.03 -17.51
CA LEU A 83 -20.19 9.15 -17.45
C LEU A 83 -21.37 9.95 -18.02
N GLN A 84 -21.72 9.70 -19.27
CA GLN A 84 -22.83 10.41 -19.88
C GLN A 84 -24.06 9.63 -19.49
N MET A 85 -25.02 10.28 -18.86
CA MET A 85 -26.25 9.60 -18.44
C MET A 85 -27.40 10.14 -19.27
N ASN A 86 -28.17 9.24 -19.89
CA ASN A 86 -29.29 9.68 -20.71
C ASN A 86 -30.64 9.23 -20.20
N THR A 87 -31.66 9.97 -20.59
CA THR A 87 -33.04 9.71 -20.19
C THR A 87 -33.03 9.24 -18.73
N LEU A 88 -32.50 10.10 -17.88
CA LEU A 88 -32.40 9.82 -16.45
C LEU A 88 -33.76 9.55 -15.84
N ARG A 89 -33.74 9.10 -14.58
CA ARG A 89 -34.96 8.81 -13.87
C ARG A 89 -34.78 8.83 -12.37
N ALA A 90 -35.78 8.29 -11.67
CA ALA A 90 -35.80 8.25 -10.21
C ALA A 90 -34.63 7.51 -9.58
N GLU A 91 -34.56 6.21 -9.85
CA GLU A 91 -33.51 5.38 -9.28
C GLU A 91 -32.12 5.88 -9.64
N ASP A 92 -32.07 6.90 -10.50
CA ASP A 92 -30.79 7.49 -10.91
C ASP A 92 -30.26 8.53 -9.91
N SER A 93 -31.17 9.18 -9.17
CA SER A 93 -30.76 10.18 -8.17
C SER A 93 -29.86 9.49 -7.16
N ALA A 94 -28.59 9.87 -7.12
CA ALA A 94 -27.67 9.25 -6.17
C ALA A 94 -26.32 9.94 -6.24
N THR A 95 -25.46 9.66 -5.27
CA THR A 95 -24.12 10.24 -5.27
C THR A 95 -23.23 9.34 -6.12
N TYR A 96 -22.79 9.84 -7.27
CA TYR A 96 -21.93 9.06 -8.15
C TYR A 96 -20.46 9.25 -7.82
N TYR A 97 -19.77 8.14 -7.54
CA TYR A 97 -18.34 8.19 -7.21
C TYR A 97 -17.47 7.73 -8.36
N CYS A 98 -16.19 8.05 -8.23
CA CYS A 98 -15.18 7.71 -9.21
C CYS A 98 -14.23 6.72 -8.49
N ALA A 99 -13.81 5.66 -9.18
CA ALA A 99 -12.92 4.67 -8.56
C ALA A 99 -11.79 4.21 -9.47
N ARG A 100 -10.65 3.85 -8.89
CA ARG A 100 -9.52 3.40 -9.68
C ARG A 100 -8.93 2.09 -9.16
N GLY A 101 -8.90 1.07 -10.02
CA GLY A 101 -8.36 -0.23 -9.65
C GLY A 101 -6.98 -0.16 -9.02
N ASP A 102 -6.60 -1.22 -8.31
CA ASP A 102 -5.30 -1.32 -7.63
C ASP A 102 -4.47 -2.29 -8.45
N TYR A 103 -3.15 -2.16 -8.47
CA TYR A 103 -2.33 -3.05 -9.30
C TYR A 103 -2.57 -4.55 -9.09
N TYR A 104 -3.33 -4.88 -8.06
CA TYR A 104 -3.69 -6.26 -7.76
C TYR A 104 -5.21 -6.46 -7.80
N GLY A 105 -5.65 -7.63 -7.35
CA GLY A 105 -7.08 -7.92 -7.37
C GLY A 105 -7.97 -6.96 -6.60
N ALA A 106 -8.01 -5.71 -7.06
CA ALA A 106 -8.84 -4.69 -6.42
C ALA A 106 -9.38 -3.67 -7.43
N TRP A 107 -10.70 -3.55 -7.50
CA TRP A 107 -11.34 -2.62 -8.43
C TRP A 107 -11.40 -1.18 -7.95
N PHE A 108 -11.77 -0.99 -6.68
CA PHE A 108 -11.90 0.34 -6.10
C PHE A 108 -10.90 0.67 -4.99
N ALA A 109 -9.63 0.79 -5.35
CA ALA A 109 -8.62 1.13 -4.36
C ALA A 109 -8.69 2.61 -3.94
N TYR A 110 -9.12 3.50 -4.84
CA TYR A 110 -9.23 4.95 -4.55
C TYR A 110 -10.54 5.57 -5.05
N TRP A 111 -11.37 6.01 -4.11
CA TRP A 111 -12.64 6.63 -4.48
C TRP A 111 -12.53 8.16 -4.49
N GLY A 112 -13.44 8.80 -5.24
CA GLY A 112 -13.45 10.25 -5.29
C GLY A 112 -14.31 10.71 -4.13
N GLN A 113 -14.55 12.01 -4.01
CA GLN A 113 -15.37 12.51 -2.92
C GLN A 113 -16.83 12.28 -3.27
N GLY A 114 -17.10 12.03 -4.55
CA GLY A 114 -18.45 11.80 -5.02
C GLY A 114 -19.25 13.05 -5.36
N THR A 115 -20.13 12.95 -6.35
CA THR A 115 -20.97 14.07 -6.76
C THR A 115 -22.43 13.63 -6.77
N LEU A 116 -23.31 14.43 -6.17
CA LEU A 116 -24.74 14.09 -6.10
C LEU A 116 -25.58 14.50 -7.31
N VAL A 117 -26.55 13.64 -7.64
CA VAL A 117 -27.49 13.89 -8.72
C VAL A 117 -28.92 13.63 -8.20
N THR A 118 -29.87 14.49 -8.58
CA THR A 118 -31.27 14.38 -8.15
C THR A 118 -32.19 14.50 -9.36
N VAL A 119 -32.92 13.44 -9.66
CA VAL A 119 -33.82 13.44 -10.82
C VAL A 119 -35.25 13.04 -10.52
N SER A 120 -36.16 14.00 -10.42
CA SER A 120 -37.57 13.66 -10.18
C SER A 120 -38.45 14.84 -9.81
N ALA A 121 -38.28 15.94 -10.52
CA ALA A 121 -39.10 17.12 -10.24
C ALA A 121 -40.04 17.42 -11.42
N GLU B 1 -2.37 3.98 12.93
CA GLU B 1 -1.37 3.90 11.83
C GLU B 1 -0.01 3.47 12.38
N VAL B 2 0.78 2.85 11.51
CA VAL B 2 2.10 2.38 11.88
C VAL B 2 2.93 3.52 12.41
N LYS B 3 3.56 3.32 13.56
CA LYS B 3 4.41 4.32 14.16
C LYS B 3 5.63 3.62 14.77
N LEU B 4 6.80 4.16 14.47
CA LEU B 4 8.04 3.62 14.98
C LEU B 4 8.84 4.75 15.59
N VAL B 5 9.18 4.62 16.86
CA VAL B 5 9.96 5.67 17.52
C VAL B 5 11.25 5.15 18.18
N GLU B 6 12.39 5.41 17.53
CA GLU B 6 13.66 4.97 18.09
C GLU B 6 14.05 5.86 19.25
N SER B 7 14.71 5.27 20.24
CA SER B 7 15.19 5.97 21.43
C SER B 7 16.58 5.41 21.74
N GLY B 8 17.18 5.84 22.84
CA GLY B 8 18.50 5.34 23.20
C GLY B 8 19.73 5.95 22.58
N GLY B 9 19.58 7.06 21.85
CA GLY B 9 20.76 7.70 21.28
C GLY B 9 21.51 8.34 22.44
N GLY B 10 22.42 9.26 22.16
CA GLY B 10 23.12 9.90 23.26
C GLY B 10 24.59 10.07 23.01
N LEU B 11 25.27 10.73 23.95
CA LEU B 11 26.70 10.98 23.83
C LEU B 11 27.40 9.86 24.59
N VAL B 12 28.09 8.96 23.90
CA VAL B 12 28.74 7.88 24.60
C VAL B 12 30.25 7.80 24.47
N GLN B 13 30.89 7.67 25.62
CA GLN B 13 32.34 7.54 25.68
C GLN B 13 32.65 6.18 25.08
N PRO B 14 33.86 6.00 24.52
CA PRO B 14 34.20 4.71 23.91
C PRO B 14 34.01 3.53 24.87
N GLY B 15 33.88 2.33 24.29
CA GLY B 15 33.69 1.14 25.10
C GLY B 15 32.28 1.05 25.67
N GLY B 16 31.65 2.21 25.82
CA GLY B 16 30.31 2.26 26.37
C GLY B 16 29.33 1.25 25.81
N SER B 17 28.17 1.15 26.45
CA SER B 17 27.12 0.22 26.04
C SER B 17 25.71 0.85 26.13
N LEU B 18 25.25 1.40 25.02
CA LEU B 18 23.93 2.02 24.97
C LEU B 18 22.91 0.98 24.53
N ARG B 19 21.63 1.24 24.85
CA ARG B 19 20.57 0.34 24.46
C ARG B 19 19.43 1.11 23.79
N LEU B 20 19.53 1.27 22.48
CA LEU B 20 18.49 1.97 21.76
C LEU B 20 17.25 1.07 21.79
N SER B 21 16.09 1.67 21.61
CA SER B 21 14.87 0.89 21.57
C SER B 21 14.04 1.36 20.39
N CYS B 22 12.90 0.75 20.19
CA CYS B 22 12.01 1.14 19.13
C CYS B 22 10.58 0.82 19.54
N ALA B 23 9.87 1.83 20.02
CA ALA B 23 8.48 1.67 20.41
C ALA B 23 7.75 1.59 19.08
N THR B 24 6.62 0.89 19.04
CA THR B 24 5.86 0.80 17.80
C THR B 24 4.36 0.83 18.07
N SER B 25 3.60 1.34 17.11
CA SER B 25 2.16 1.44 17.29
C SER B 25 1.39 1.31 15.97
N GLY B 26 0.19 0.74 16.04
CA GLY B 26 -0.62 0.61 14.85
C GLY B 26 -0.43 -0.65 14.04
N PHE B 27 0.07 -1.72 14.64
CA PHE B 27 0.24 -2.99 13.94
C PHE B 27 0.59 -4.10 14.91
N SER B 28 0.00 -5.26 14.74
CA SER B 28 0.31 -6.36 15.63
C SER B 28 1.80 -6.67 15.50
N PHE B 29 2.59 -6.04 16.36
CA PHE B 29 4.05 -6.16 16.43
C PHE B 29 4.61 -7.58 16.44
N THR B 30 3.74 -8.55 16.64
CA THR B 30 4.14 -9.95 16.70
C THR B 30 4.48 -10.55 15.35
N ASP B 31 3.81 -10.07 14.31
CA ASP B 31 3.98 -10.61 12.97
C ASP B 31 4.83 -9.89 11.95
N TYR B 32 5.92 -9.26 12.36
CA TYR B 32 6.75 -8.58 11.36
C TYR B 32 8.23 -8.62 11.65
N TYR B 33 9.00 -8.50 10.59
CA TYR B 33 10.44 -8.47 10.69
C TYR B 33 10.83 -7.05 11.11
N MET B 34 11.58 -6.96 12.21
CA MET B 34 12.04 -5.67 12.71
C MET B 34 13.56 -5.60 12.55
N ALA B 35 14.06 -4.86 11.57
CA ALA B 35 15.49 -4.73 11.35
C ALA B 35 16.04 -3.50 12.05
N TRP B 36 17.36 -3.34 11.99
CA TRP B 36 18.05 -2.18 12.57
C TRP B 36 19.08 -1.80 11.52
N VAL B 37 19.22 -0.51 11.22
CA VAL B 37 20.19 -0.07 10.23
C VAL B 37 20.71 1.32 10.56
N ARG B 38 22.02 1.44 10.79
CA ARG B 38 22.63 2.71 11.11
C ARG B 38 23.13 3.41 9.85
N GLN B 39 23.48 4.68 9.99
CA GLN B 39 24.01 5.46 8.89
C GLN B 39 25.02 6.43 9.43
N PRO B 40 26.31 6.06 9.41
CA PRO B 40 27.30 7.01 9.93
C PRO B 40 27.12 8.37 9.25
N PRO B 41 27.26 9.46 10.03
CA PRO B 41 27.09 10.81 9.47
C PRO B 41 28.10 11.03 8.37
N GLY B 42 27.71 10.65 7.16
CA GLY B 42 28.59 10.78 6.02
C GLY B 42 28.09 10.02 4.81
N LYS B 43 28.22 8.70 4.80
CA LYS B 43 27.77 7.94 3.65
C LYS B 43 27.44 6.46 3.89
N ALA B 44 26.59 5.95 3.01
CA ALA B 44 26.14 4.54 2.98
C ALA B 44 25.34 3.98 4.15
N LEU B 45 24.26 3.28 3.81
CA LEU B 45 23.40 2.65 4.80
C LEU B 45 24.01 1.28 5.09
N GLU B 46 23.96 0.86 6.34
CA GLU B 46 24.53 -0.42 6.74
C GLU B 46 23.59 -1.25 7.59
N TRP B 47 23.13 -2.38 7.04
CA TRP B 47 22.24 -3.33 7.73
C TRP B 47 23.02 -4.05 8.84
N LEU B 48 22.51 -4.03 10.07
CA LEU B 48 23.22 -4.65 11.18
C LEU B 48 22.50 -5.87 11.79
N ALA B 49 21.73 -5.62 12.84
CA ALA B 49 20.99 -6.67 13.50
C ALA B 49 19.71 -6.85 12.72
N PHE B 50 18.87 -7.79 13.15
CA PHE B 50 17.61 -8.06 12.45
C PHE B 50 16.85 -9.24 13.06
N ILE B 51 15.53 -9.12 13.21
CA ILE B 51 14.76 -10.21 13.81
C ILE B 51 13.46 -10.52 13.05
N ARG B 52 13.18 -11.80 12.86
CA ARG B 52 12.01 -12.27 12.12
C ARG B 52 10.74 -12.34 13.00
N ASN B 53 9.58 -12.59 12.39
CA ASN B 53 8.32 -12.66 13.15
C ASN B 53 8.05 -14.04 13.75
N LYS B 54 6.86 -14.20 14.33
CA LYS B 54 6.49 -15.46 14.95
C LYS B 54 6.42 -16.61 13.95
N ALA B 55 5.64 -16.41 12.87
CA ALA B 55 5.46 -17.41 11.82
C ALA B 55 6.80 -17.90 11.28
N ASN B 56 7.88 -17.23 11.65
CA ASN B 56 9.20 -17.63 11.19
C ASN B 56 10.17 -17.85 12.34
N GLY B 57 9.59 -18.16 13.49
CA GLY B 57 10.34 -18.47 14.69
C GLY B 57 11.34 -17.47 15.21
N TYR B 58 11.03 -16.18 15.08
CA TYR B 58 11.91 -15.10 15.55
C TYR B 58 13.39 -15.32 15.31
N THR B 59 13.74 -15.88 14.17
CA THR B 59 15.13 -16.12 13.87
C THR B 59 15.80 -14.76 13.70
N THR B 60 17.03 -14.63 14.21
CA THR B 60 17.78 -13.38 14.16
C THR B 60 19.16 -13.45 13.49
N ASP B 61 19.40 -12.60 12.50
CA ASP B 61 20.68 -12.56 11.79
C ASP B 61 21.44 -11.24 11.99
N TYR B 62 22.76 -11.25 11.78
CA TYR B 62 23.58 -10.06 11.93
C TYR B 62 24.72 -10.03 10.93
N SER B 63 25.63 -9.07 11.10
CA SER B 63 26.79 -8.92 10.22
C SER B 63 28.05 -8.92 11.07
N ALA B 64 29.20 -9.22 10.48
CA ALA B 64 30.45 -9.25 11.24
C ALA B 64 30.61 -7.98 12.07
N SER B 65 30.57 -6.85 11.38
CA SER B 65 30.69 -5.55 11.99
C SER B 65 29.88 -5.41 13.28
N VAL B 66 28.96 -6.34 13.52
CA VAL B 66 28.12 -6.25 14.70
C VAL B 66 27.89 -7.56 15.45
N LYS B 67 27.90 -8.68 14.73
CA LYS B 67 27.68 -9.99 15.35
C LYS B 67 28.69 -10.21 16.48
N GLY B 68 28.17 -10.35 17.68
CA GLY B 68 29.02 -10.55 18.84
C GLY B 68 28.92 -9.35 19.76
N ARG B 69 28.97 -8.15 19.19
CA ARG B 69 28.90 -6.91 19.95
C ARG B 69 27.46 -6.52 20.25
N PHE B 70 26.61 -6.55 19.23
CA PHE B 70 25.20 -6.20 19.41
C PHE B 70 24.26 -7.39 19.31
N THR B 71 23.19 -7.35 20.09
CA THR B 71 22.19 -8.39 20.10
C THR B 71 20.83 -7.73 19.86
N ILE B 72 19.86 -8.50 19.41
CA ILE B 72 18.52 -7.97 19.17
C ILE B 72 17.58 -8.61 20.18
N SER B 73 16.35 -8.10 20.25
CA SER B 73 15.37 -8.65 21.17
C SER B 73 14.05 -7.93 21.00
N ARG B 74 12.97 -8.53 21.49
CA ARG B 74 11.65 -7.95 21.39
C ARG B 74 10.97 -8.02 22.75
N ASP B 75 9.81 -7.40 22.85
CA ASP B 75 9.00 -7.40 24.06
C ASP B 75 7.58 -7.32 23.50
N ASN B 76 7.19 -8.38 22.80
CA ASN B 76 5.86 -8.45 22.19
C ASN B 76 4.78 -7.92 23.13
N SER B 77 4.99 -8.07 24.43
CA SER B 77 4.05 -7.57 25.43
C SER B 77 3.91 -6.06 25.33
N GLN B 78 4.99 -5.37 25.03
CA GLN B 78 4.94 -3.91 24.94
C GLN B 78 5.12 -3.39 23.52
N SER B 79 5.06 -4.28 22.54
CA SER B 79 5.25 -3.87 21.15
C SER B 79 6.47 -2.96 21.03
N ILE B 80 7.60 -3.41 21.57
CA ILE B 80 8.85 -2.66 21.51
C ILE B 80 9.99 -3.54 20.99
N LEU B 81 10.99 -2.92 20.36
CA LEU B 81 12.13 -3.62 19.82
C LEU B 81 13.40 -3.03 20.45
N TYR B 82 14.46 -3.84 20.54
CA TYR B 82 15.71 -3.39 21.16
C TYR B 82 16.97 -3.74 20.40
N LEU B 83 18.01 -2.97 20.67
CA LEU B 83 19.30 -3.19 20.07
C LEU B 83 20.36 -3.04 21.15
N GLN B 84 20.79 -4.18 21.67
CA GLN B 84 21.80 -4.25 22.73
C GLN B 84 23.13 -3.80 22.14
N MET B 85 23.64 -2.66 22.58
CA MET B 85 24.92 -2.16 22.08
C MET B 85 25.96 -2.14 23.20
N ASN B 86 27.06 -2.87 23.00
CA ASN B 86 28.13 -2.92 23.99
C ASN B 86 29.48 -2.63 23.31
N THR B 87 30.46 -2.17 24.09
CA THR B 87 31.78 -1.84 23.55
C THR B 87 31.68 -1.01 22.29
N LEU B 88 31.34 0.26 22.45
CA LEU B 88 31.22 1.16 21.32
C LEU B 88 32.56 1.78 20.94
N ARG B 89 32.86 1.79 19.66
CA ARG B 89 34.10 2.37 19.17
C ARG B 89 33.73 3.61 18.38
N ALA B 90 34.75 4.32 17.91
CA ALA B 90 34.50 5.54 17.17
C ALA B 90 33.63 5.34 15.94
N GLU B 91 33.92 4.29 15.16
CA GLU B 91 33.15 4.08 13.95
C GLU B 91 31.77 3.45 14.15
N ASP B 92 31.20 3.70 15.32
CA ASP B 92 29.86 3.20 15.63
C ASP B 92 28.92 4.36 15.74
N SER B 93 29.49 5.55 15.85
CA SER B 93 28.67 6.75 15.94
C SER B 93 27.98 6.89 14.60
N ALA B 94 26.66 6.94 14.63
CA ALA B 94 25.86 7.07 13.43
C ALA B 94 24.41 7.20 13.85
N THR B 95 23.51 7.21 12.88
CA THR B 95 22.11 7.34 13.18
C THR B 95 21.48 5.97 12.96
N TYR B 96 20.98 5.37 14.04
CA TYR B 96 20.36 4.06 14.00
C TYR B 96 18.86 4.05 13.75
N TYR B 97 18.46 3.45 12.63
CA TYR B 97 17.05 3.37 12.25
C TYR B 97 16.36 2.06 12.65
N CYS B 98 15.04 2.17 12.83
CA CYS B 98 14.19 1.06 13.19
C CYS B 98 13.40 0.72 11.92
N ALA B 99 13.00 -0.53 11.72
CA ALA B 99 12.28 -0.85 10.50
C ALA B 99 11.54 -2.20 10.47
N ARG B 100 10.40 -2.25 9.79
CA ARG B 100 9.63 -3.49 9.65
C ARG B 100 9.15 -3.72 8.22
N GLY B 101 9.14 -4.99 7.82
CA GLY B 101 8.73 -5.35 6.47
C GLY B 101 7.27 -5.25 6.11
N ASP B 102 6.95 -5.73 4.90
CA ASP B 102 5.60 -5.73 4.35
C ASP B 102 5.25 -7.21 4.14
N TYR B 103 3.98 -7.59 4.27
CA TYR B 103 3.65 -9.01 4.06
C TYR B 103 4.25 -9.46 2.76
N TYR B 104 3.79 -8.83 1.68
CA TYR B 104 4.31 -9.10 0.36
C TYR B 104 5.80 -8.89 0.57
N GLY B 105 6.62 -9.48 -0.29
CA GLY B 105 8.07 -9.41 -0.10
C GLY B 105 8.92 -8.18 0.19
N ALA B 106 8.42 -7.16 0.90
CA ALA B 106 9.23 -5.97 1.18
C ALA B 106 9.94 -6.05 2.53
N TRP B 107 11.17 -5.54 2.60
CA TRP B 107 11.93 -5.61 3.85
C TRP B 107 11.86 -4.45 4.83
N PHE B 108 12.08 -3.24 4.34
CA PHE B 108 12.01 -2.06 5.20
C PHE B 108 10.88 -1.18 4.68
N ALA B 109 9.65 -1.50 5.07
CA ALA B 109 8.49 -0.75 4.60
C ALA B 109 8.19 0.50 5.42
N TYR B 110 8.63 0.51 6.67
CA TYR B 110 8.41 1.64 7.54
C TYR B 110 9.66 1.86 8.35
N TRP B 111 10.08 3.11 8.48
CA TRP B 111 11.29 3.44 9.24
C TRP B 111 11.00 4.41 10.37
N GLY B 112 11.64 4.20 11.50
CA GLY B 112 11.46 5.11 12.62
C GLY B 112 12.14 6.41 12.19
N GLN B 113 11.97 7.47 12.97
CA GLN B 113 12.58 8.74 12.60
C GLN B 113 14.11 8.65 12.62
N GLY B 114 14.65 7.80 13.50
CA GLY B 114 16.08 7.63 13.60
C GLY B 114 16.59 8.16 14.93
N THR B 115 17.75 7.70 15.36
CA THR B 115 18.35 8.16 16.62
C THR B 115 19.84 8.32 16.43
N LEU B 116 20.42 9.31 17.10
CA LEU B 116 21.84 9.55 16.95
C LEU B 116 22.70 8.98 18.05
N VAL B 117 23.66 8.15 17.64
CA VAL B 117 24.60 7.56 18.59
C VAL B 117 25.97 8.07 18.19
N THR B 118 26.53 8.93 19.03
CA THR B 118 27.85 9.49 18.77
C THR B 118 28.87 9.00 19.79
N VAL B 119 29.88 8.29 19.30
CA VAL B 119 30.94 7.78 20.15
C VAL B 119 32.10 8.76 19.93
N SER B 120 32.14 9.82 20.73
CA SER B 120 33.16 10.85 20.60
C SER B 120 33.96 11.09 21.89
N ALA B 121 35.04 11.85 21.74
CA ALA B 121 35.93 12.20 22.85
C ALA B 121 35.38 13.25 23.82
N GLN C 1 29.27 -11.96 2.55
CA GLN C 1 28.48 -10.93 1.85
C GLN C 1 28.60 -10.76 0.34
N VAL C 2 27.45 -10.63 -0.30
CA VAL C 2 27.36 -10.39 -1.73
C VAL C 2 27.61 -8.88 -1.77
N LEU C 3 28.09 -8.37 -2.90
CA LEU C 3 28.35 -6.93 -2.94
C LEU C 3 27.57 -6.21 -4.02
N MET C 4 26.93 -5.12 -3.64
CA MET C 4 26.13 -4.31 -4.56
C MET C 4 26.91 -3.08 -5.06
N THR C 5 26.66 -2.68 -6.30
CA THR C 5 27.34 -1.53 -6.89
C THR C 5 26.51 -0.82 -7.96
N GLN C 6 26.04 0.40 -7.64
CA GLN C 6 25.27 1.19 -8.59
C GLN C 6 26.16 2.22 -9.30
N THR C 7 26.25 2.04 -10.61
CA THR C 7 27.09 2.84 -11.49
C THR C 7 27.26 4.35 -11.25
N PRO C 8 26.20 5.16 -11.38
CA PRO C 8 26.51 6.58 -11.12
C PRO C 8 26.50 6.91 -9.63
N LEU C 9 27.66 7.24 -9.07
CA LEU C 9 27.70 7.59 -7.66
C LEU C 9 27.07 8.98 -7.47
N SER C 10 26.56 9.50 -8.58
CA SER C 10 25.90 10.80 -8.64
C SER C 10 25.26 10.92 -10.01
N LEU C 11 23.93 10.88 -10.05
CA LEU C 11 23.21 11.00 -11.30
C LEU C 11 22.76 12.44 -11.37
N PRO C 12 23.33 13.22 -12.30
CA PRO C 12 23.03 14.65 -12.51
C PRO C 12 22.04 14.87 -13.65
N VAL C 13 20.87 15.43 -13.35
CA VAL C 13 19.88 15.64 -14.38
C VAL C 13 18.91 16.80 -14.10
N SER C 14 18.26 17.28 -15.17
CA SER C 14 17.31 18.38 -15.06
C SER C 14 15.90 17.85 -14.83
N LEU C 15 15.21 18.44 -13.86
CA LEU C 15 13.85 18.03 -13.53
C LEU C 15 13.00 17.86 -14.78
N GLY C 16 12.60 16.62 -15.06
CA GLY C 16 11.78 16.34 -16.23
C GLY C 16 12.35 15.26 -17.11
N ASP C 17 13.67 15.10 -17.12
CA ASP C 17 14.32 14.06 -17.94
C ASP C 17 14.09 12.70 -17.30
N GLN C 18 14.14 11.66 -18.12
CA GLN C 18 13.90 10.30 -17.66
C GLN C 18 15.17 9.60 -17.20
N ALA C 19 15.56 9.85 -15.95
CA ALA C 19 16.77 9.27 -15.36
C ALA C 19 16.67 7.78 -15.05
N SER C 20 17.79 7.18 -14.63
CA SER C 20 17.82 5.76 -14.31
C SER C 20 19.19 5.31 -13.81
N ILE C 21 19.22 4.60 -12.68
CA ILE C 21 20.45 4.09 -12.11
C ILE C 21 20.39 2.57 -11.99
N SER C 22 21.54 1.91 -12.03
CA SER C 22 21.57 0.46 -11.96
C SER C 22 22.64 -0.09 -11.02
N CYS C 23 22.31 -1.20 -10.36
CA CYS C 23 23.24 -1.84 -9.44
C CYS C 23 23.40 -3.32 -9.79
N ARG C 24 24.57 -3.87 -9.47
CA ARG C 24 24.88 -5.26 -9.75
C ARG C 24 25.31 -5.95 -8.48
N SER C 25 25.21 -7.27 -8.47
CA SER C 25 25.60 -8.07 -7.31
C SER C 25 26.81 -8.92 -7.68
N SER C 26 27.58 -9.32 -6.67
CA SER C 26 28.77 -10.14 -6.91
C SER C 26 28.33 -11.49 -7.47
N GLN C 27 27.10 -11.87 -7.15
CA GLN C 27 26.52 -13.15 -7.61
C GLN C 27 25.00 -13.00 -7.61
N SER C 28 24.30 -13.87 -8.32
CA SER C 28 22.84 -13.78 -8.36
C SER C 28 22.30 -13.64 -6.95
N ILE C 29 21.20 -12.93 -6.80
CA ILE C 29 20.60 -12.72 -5.48
C ILE C 29 19.22 -13.38 -5.38
N VAL C 30 19.03 -14.47 -6.12
CA VAL C 30 17.78 -15.21 -6.11
C VAL C 30 17.77 -16.11 -4.89
N HIS C 31 16.82 -15.86 -4.01
CA HIS C 31 16.69 -16.64 -2.80
C HIS C 31 16.38 -18.10 -3.10
N SER C 32 16.49 -18.93 -2.06
CA SER C 32 16.18 -20.34 -2.17
C SER C 32 14.81 -20.46 -2.83
N ASN C 33 13.86 -19.60 -2.43
CA ASN C 33 12.54 -19.58 -3.03
C ASN C 33 12.59 -18.58 -4.18
N GLY C 34 11.92 -18.90 -5.28
CA GLY C 34 11.93 -18.07 -6.47
C GLY C 34 12.09 -16.55 -6.37
N ASN C 35 11.56 -15.95 -5.32
CA ASN C 35 11.62 -14.50 -5.15
C ASN C 35 13.03 -13.92 -5.10
N THR C 36 13.20 -12.73 -5.68
CA THR C 36 14.48 -12.03 -5.70
C THR C 36 14.34 -10.72 -4.92
N TYR C 37 14.83 -10.72 -3.69
CA TYR C 37 14.72 -9.58 -2.81
C TYR C 37 15.67 -8.38 -3.03
N LEU C 38 15.42 -7.64 -4.11
CA LEU C 38 16.21 -6.46 -4.45
C LEU C 38 15.26 -5.28 -4.16
N GLU C 39 15.73 -4.27 -3.44
CA GLU C 39 14.86 -3.17 -3.13
C GLU C 39 15.50 -1.80 -3.34
N TRP C 40 14.70 -0.84 -3.77
CA TRP C 40 15.20 0.50 -3.99
C TRP C 40 14.68 1.44 -2.92
N TYR C 41 15.52 2.38 -2.51
CA TYR C 41 15.16 3.33 -1.49
C TYR C 41 15.61 4.75 -1.83
N LEU C 42 14.78 5.73 -1.46
CA LEU C 42 15.10 7.14 -1.67
C LEU C 42 15.29 7.76 -0.30
N GLN C 43 16.47 8.33 -0.06
CA GLN C 43 16.69 8.97 1.21
C GLN C 43 16.71 10.46 0.91
N LYS C 44 15.56 11.10 1.10
CA LYS C 44 15.46 12.52 0.86
C LYS C 44 16.35 13.19 1.88
N PRO C 45 17.04 14.27 1.48
CA PRO C 45 17.93 14.99 2.39
C PRO C 45 17.28 15.32 3.72
N GLY C 46 17.89 14.85 4.80
CA GLY C 46 17.36 15.11 6.13
C GLY C 46 16.27 14.15 6.60
N GLN C 47 15.57 13.54 5.67
CA GLN C 47 14.51 12.60 6.01
C GLN C 47 15.05 11.17 6.16
N SER C 48 14.19 10.26 6.59
CA SER C 48 14.56 8.87 6.75
C SER C 48 14.31 8.22 5.39
N PRO C 49 15.16 7.27 4.98
CA PRO C 49 15.02 6.58 3.70
C PRO C 49 13.63 6.01 3.45
N LYS C 50 13.25 5.91 2.19
CA LYS C 50 11.93 5.40 1.82
C LYS C 50 12.04 4.26 0.80
N LEU C 51 11.12 3.29 0.90
CA LEU C 51 11.11 2.15 -0.01
C LEU C 51 10.37 2.41 -1.35
N LEU C 52 11.04 2.09 -2.45
CA LEU C 52 10.47 2.27 -3.77
C LEU C 52 9.90 0.96 -4.29
N ILE C 53 10.76 -0.04 -4.52
CA ILE C 53 10.31 -1.37 -4.99
C ILE C 53 10.90 -2.49 -4.10
N TYR C 54 10.15 -3.58 -3.90
CA TYR C 54 10.61 -4.65 -3.01
C TYR C 54 11.03 -6.01 -3.58
N LYS C 55 10.57 -6.32 -4.78
CA LYS C 55 11.02 -7.55 -5.41
C LYS C 55 11.90 -6.88 -6.43
N VAL C 56 11.95 -7.36 -7.65
CA VAL C 56 12.77 -6.63 -8.60
C VAL C 56 11.94 -5.52 -9.24
N SER C 57 10.62 -5.63 -9.15
CA SER C 57 9.75 -4.66 -9.82
C SER C 57 8.42 -4.29 -9.17
N ASN C 58 8.20 -4.67 -7.93
CA ASN C 58 6.93 -4.35 -7.28
C ASN C 58 6.96 -3.01 -6.55
N ARG C 59 6.23 -2.04 -7.09
CA ARG C 59 6.22 -0.72 -6.47
C ARG C 59 5.44 -0.71 -5.15
N PHE C 60 6.01 -0.06 -4.14
CA PHE C 60 5.39 0.03 -2.82
C PHE C 60 4.11 0.87 -2.86
N SER C 61 3.30 0.74 -1.82
CA SER C 61 2.04 1.46 -1.77
C SER C 61 2.24 2.93 -1.48
N GLY C 62 1.86 3.78 -2.42
CA GLY C 62 2.02 5.20 -2.21
C GLY C 62 3.00 5.88 -3.15
N VAL C 63 4.08 5.17 -3.48
CA VAL C 63 5.07 5.74 -4.38
C VAL C 63 4.49 5.81 -5.79
N PRO C 64 4.60 6.98 -6.45
CA PRO C 64 4.10 7.23 -7.81
C PRO C 64 4.66 6.25 -8.84
N ASP C 65 3.87 5.96 -9.87
CA ASP C 65 4.27 5.02 -10.91
C ASP C 65 5.42 5.47 -11.81
N ARG C 66 5.84 6.71 -11.67
CA ARG C 66 6.96 7.18 -12.49
C ARG C 66 8.16 6.36 -12.09
N PHE C 67 8.02 5.61 -11.00
CA PHE C 67 9.09 4.74 -10.52
C PHE C 67 8.83 3.29 -10.90
N SER C 68 9.90 2.56 -11.13
CA SER C 68 9.77 1.15 -11.49
C SER C 68 11.14 0.48 -11.48
N GLY C 69 11.16 -0.84 -11.35
CA GLY C 69 12.43 -1.56 -11.33
C GLY C 69 12.46 -2.70 -12.32
N SER C 70 13.65 -3.20 -12.62
CA SER C 70 13.79 -4.30 -13.56
C SER C 70 15.13 -5.00 -13.39
N GLY C 71 15.16 -6.28 -13.72
CA GLY C 71 16.40 -7.01 -13.58
C GLY C 71 16.28 -8.50 -13.36
N SER C 72 17.36 -9.21 -13.66
CA SER C 72 17.40 -10.65 -13.50
C SER C 72 18.78 -11.05 -13.02
N GLY C 73 18.83 -12.06 -12.16
CA GLY C 73 20.10 -12.56 -11.66
C GLY C 73 20.98 -11.58 -10.91
N THR C 74 21.71 -10.74 -11.65
CA THR C 74 22.59 -9.75 -11.05
C THR C 74 22.55 -8.35 -11.68
N ASP C 75 21.63 -8.13 -12.63
CA ASP C 75 21.52 -6.85 -13.32
C ASP C 75 20.25 -6.08 -12.93
N PHE C 76 20.36 -5.13 -12.01
CA PHE C 76 19.18 -4.39 -11.54
C PHE C 76 19.15 -2.86 -11.77
N THR C 77 18.06 -2.39 -12.37
CA THR C 77 17.92 -0.98 -12.72
C THR C 77 16.60 -0.27 -12.34
N LEU C 78 16.72 0.82 -11.58
CA LEU C 78 15.57 1.64 -11.17
C LEU C 78 15.45 2.77 -12.18
N LYS C 79 14.24 3.09 -12.62
CA LYS C 79 14.06 4.15 -13.62
C LYS C 79 12.87 5.07 -13.39
N ILE C 80 13.11 6.38 -13.47
CA ILE C 80 12.06 7.37 -13.27
C ILE C 80 11.68 8.06 -14.59
N SER C 81 10.49 7.78 -15.10
CA SER C 81 10.07 8.38 -16.34
C SER C 81 10.38 9.88 -16.39
N ARG C 82 9.94 10.62 -15.38
CA ARG C 82 10.17 12.06 -15.29
C ARG C 82 10.51 12.48 -13.86
N VAL C 83 11.68 13.06 -13.65
CA VAL C 83 12.06 13.48 -12.31
C VAL C 83 11.18 14.64 -11.86
N GLU C 84 11.14 14.89 -10.55
CA GLU C 84 10.35 15.96 -9.98
C GLU C 84 11.19 16.68 -8.93
N ALA C 85 10.59 17.67 -8.25
CA ALA C 85 11.28 18.43 -7.21
C ALA C 85 11.69 17.45 -6.14
N GLU C 86 10.69 16.90 -5.46
CA GLU C 86 10.89 15.89 -4.44
C GLU C 86 11.20 14.72 -5.33
N ASP C 87 12.06 13.82 -4.87
CA ASP C 87 12.49 12.65 -5.65
C ASP C 87 13.90 12.88 -6.13
N LEU C 88 14.63 13.69 -5.37
CA LEU C 88 16.02 14.00 -5.62
C LEU C 88 16.62 13.74 -4.26
N GLY C 89 17.77 13.08 -4.23
CA GLY C 89 18.39 12.79 -2.95
C GLY C 89 19.25 11.59 -3.18
N VAL C 90 19.51 10.82 -2.14
CA VAL C 90 20.33 9.62 -2.28
C VAL C 90 19.48 8.36 -2.43
N TYR C 91 19.67 7.68 -3.55
CA TYR C 91 18.97 6.44 -3.86
C TYR C 91 19.82 5.28 -3.41
N TYR C 92 19.15 4.17 -3.10
CA TYR C 92 19.81 2.96 -2.63
C TYR C 92 19.10 1.71 -3.13
N CYS C 93 19.88 0.66 -3.33
CA CYS C 93 19.34 -0.63 -3.72
C CYS C 93 19.77 -1.54 -2.58
N PHE C 94 18.95 -2.53 -2.29
CA PHE C 94 19.21 -3.46 -1.20
C PHE C 94 18.96 -4.87 -1.70
N GLN C 95 19.74 -5.80 -1.16
CA GLN C 95 19.59 -7.20 -1.50
C GLN C 95 19.28 -7.86 -0.16
N GLY C 96 18.11 -8.50 -0.12
CA GLY C 96 17.69 -9.18 1.08
C GLY C 96 17.42 -10.64 0.79
N SER C 97 18.45 -11.35 0.35
CA SER C 97 18.30 -12.76 0.04
C SER C 97 19.24 -13.57 0.93
N HIS C 98 20.53 -13.44 0.65
CA HIS C 98 21.57 -14.16 1.37
C HIS C 98 22.25 -13.36 2.49
N VAL C 99 22.12 -13.84 3.72
CA VAL C 99 22.74 -13.19 4.87
C VAL C 99 24.26 -13.37 4.77
N PRO C 100 25.03 -12.31 5.02
CA PRO C 100 24.60 -10.96 5.41
C PRO C 100 24.05 -10.13 4.22
N TYR C 101 22.94 -9.44 4.46
CA TYR C 101 22.34 -8.60 3.44
C TYR C 101 23.22 -7.36 3.25
N THR C 102 23.14 -6.76 2.07
CA THR C 102 23.99 -5.61 1.78
C THR C 102 23.40 -4.52 0.90
N PHE C 103 23.70 -3.27 1.25
CA PHE C 103 23.26 -2.09 0.51
C PHE C 103 24.33 -1.72 -0.53
N GLY C 104 23.97 -0.89 -1.50
CA GLY C 104 24.91 -0.51 -2.53
C GLY C 104 25.56 0.87 -2.52
N GLY C 105 25.67 1.51 -1.37
CA GLY C 105 26.28 2.83 -1.34
C GLY C 105 25.38 3.93 -1.87
N GLY C 106 24.68 3.62 -2.97
CA GLY C 106 23.75 4.58 -3.56
C GLY C 106 24.25 5.63 -4.53
N THR C 107 23.31 6.15 -5.33
CA THR C 107 23.61 7.18 -6.31
C THR C 107 22.80 8.43 -5.93
N LYS C 108 23.47 9.56 -5.77
CA LYS C 108 22.81 10.80 -5.40
C LYS C 108 22.19 11.44 -6.64
N LEU C 109 20.90 11.75 -6.56
CA LEU C 109 20.22 12.36 -7.69
C LEU C 109 20.02 13.84 -7.40
N GLU C 110 20.58 14.69 -8.25
CA GLU C 110 20.45 16.13 -8.05
C GLU C 110 20.29 16.91 -9.34
N ILE C 111 19.83 18.15 -9.22
CA ILE C 111 19.62 19.02 -10.37
C ILE C 111 20.95 19.61 -10.82
N LYS C 112 21.13 19.76 -12.13
CA LYS C 112 22.35 20.32 -12.69
C LYS C 112 22.66 21.73 -12.16
N ARG C 113 22.62 22.73 -13.03
CA ARG C 113 22.87 24.11 -12.62
C ARG C 113 21.72 25.03 -13.02
N GLN D 1 -27.80 -12.72 -12.83
CA GLN D 1 -26.60 -12.24 -12.16
C GLN D 1 -26.44 -12.89 -10.78
N VAL D 2 -25.22 -12.87 -10.25
CA VAL D 2 -24.94 -13.47 -8.94
C VAL D 2 -24.93 -12.42 -7.83
N LEU D 3 -25.91 -12.48 -6.94
CA LEU D 3 -25.98 -11.51 -5.87
C LEU D 3 -25.38 -11.93 -4.54
N MET D 4 -24.74 -10.96 -3.87
CA MET D 4 -24.12 -11.17 -2.58
C MET D 4 -25.21 -10.97 -1.54
N THR D 5 -25.20 -11.80 -0.51
CA THR D 5 -26.21 -11.71 0.56
C THR D 5 -25.49 -11.71 1.92
N GLN D 6 -25.18 -10.52 2.42
CA GLN D 6 -24.46 -10.43 3.69
C GLN D 6 -25.30 -10.18 4.93
N THR D 7 -24.94 -10.89 5.99
CA THR D 7 -25.64 -10.81 7.27
C THR D 7 -24.61 -10.67 8.37
N PRO D 8 -24.99 -10.05 9.52
CA PRO D 8 -26.29 -9.45 9.82
C PRO D 8 -26.51 -8.08 9.19
N LEU D 9 -27.74 -7.58 9.23
CA LEU D 9 -28.03 -6.28 8.66
C LEU D 9 -27.42 -5.17 9.52
N SER D 10 -27.45 -5.39 10.84
CA SER D 10 -26.87 -4.45 11.78
C SER D 10 -26.07 -5.24 12.81
N LEU D 11 -24.89 -4.74 13.17
CA LEU D 11 -24.02 -5.44 14.09
C LEU D 11 -23.54 -4.62 15.29
N PRO D 12 -24.31 -4.64 16.39
CA PRO D 12 -23.97 -3.88 17.60
C PRO D 12 -22.84 -4.54 18.41
N VAL D 13 -21.86 -3.72 18.82
CA VAL D 13 -20.70 -4.18 19.56
C VAL D 13 -20.18 -3.13 20.55
N SER D 14 -19.45 -3.60 21.55
CA SER D 14 -18.86 -2.68 22.52
C SER D 14 -17.44 -2.46 22.00
N LEU D 15 -16.94 -1.25 22.07
CA LEU D 15 -15.59 -1.03 21.58
C LEU D 15 -14.65 -1.99 22.27
N GLY D 16 -14.03 -2.86 21.47
CA GLY D 16 -13.10 -3.83 22.01
C GLY D 16 -13.45 -5.27 21.66
N ASP D 17 -14.73 -5.56 21.49
CA ASP D 17 -15.14 -6.91 21.16
C ASP D 17 -14.82 -7.20 19.70
N GLN D 18 -14.72 -8.49 19.37
CA GLN D 18 -14.45 -8.92 18.00
C GLN D 18 -15.75 -8.75 17.23
N ALA D 19 -15.66 -8.69 15.91
CA ALA D 19 -16.87 -8.56 15.10
C ALA D 19 -16.74 -9.45 13.86
N SER D 20 -17.84 -10.06 13.48
CA SER D 20 -17.81 -10.95 12.31
C SER D 20 -18.99 -10.74 11.39
N ILE D 21 -18.70 -10.30 10.17
CA ILE D 21 -19.73 -10.09 9.17
C ILE D 21 -19.61 -11.20 8.16
N SER D 22 -20.74 -11.79 7.77
CA SER D 22 -20.68 -12.84 6.77
C SER D 22 -21.14 -12.32 5.40
N CYS D 23 -20.84 -13.06 4.35
CA CYS D 23 -21.23 -12.66 3.03
C CYS D 23 -21.38 -13.89 2.14
N ARG D 24 -22.60 -14.43 2.08
CA ARG D 24 -22.84 -15.61 1.26
C ARG D 24 -23.12 -15.20 -0.15
N SER D 25 -22.33 -15.72 -1.08
CA SER D 25 -22.52 -15.43 -2.49
C SER D 25 -23.77 -16.23 -2.83
N SER D 26 -23.98 -16.52 -4.10
CA SER D 26 -25.15 -17.29 -4.50
C SER D 26 -24.66 -18.30 -5.51
N GLN D 27 -23.36 -18.31 -5.71
CA GLN D 27 -22.71 -19.20 -6.66
C GLN D 27 -21.21 -18.92 -6.68
N SER D 28 -20.44 -19.90 -7.11
CA SER D 28 -18.99 -19.76 -7.19
C SER D 28 -18.62 -18.38 -7.72
N ILE D 29 -17.71 -17.72 -7.02
CA ILE D 29 -17.26 -16.40 -7.39
C ILE D 29 -15.77 -16.41 -7.82
N VAL D 30 -15.34 -17.53 -8.38
CA VAL D 30 -13.97 -17.67 -8.87
C VAL D 30 -13.88 -17.20 -10.32
N HIS D 31 -12.94 -16.31 -10.60
CA HIS D 31 -12.76 -15.76 -11.93
C HIS D 31 -12.22 -16.84 -12.87
N SER D 32 -12.08 -16.53 -14.15
CA SER D 32 -11.56 -17.51 -15.10
C SER D 32 -10.09 -17.79 -14.73
N ASN D 33 -9.35 -16.75 -14.34
CA ASN D 33 -7.98 -16.95 -13.92
C ASN D 33 -8.19 -17.52 -12.53
N GLY D 34 -7.14 -17.69 -11.74
CA GLY D 34 -7.35 -18.31 -10.44
C GLY D 34 -7.87 -17.51 -9.26
N ASN D 35 -8.23 -16.25 -9.47
CA ASN D 35 -8.67 -15.42 -8.35
C ASN D 35 -10.16 -15.37 -8.02
N THR D 36 -10.43 -14.89 -6.83
CA THR D 36 -11.77 -14.70 -6.32
C THR D 36 -11.77 -13.23 -5.91
N TYR D 37 -12.21 -12.38 -6.84
CA TYR D 37 -12.25 -10.95 -6.60
C TYR D 37 -13.37 -10.54 -5.64
N LEU D 38 -13.23 -10.97 -4.40
CA LEU D 38 -14.19 -10.66 -3.35
C LEU D 38 -13.50 -9.59 -2.49
N GLU D 39 -14.08 -8.40 -2.40
CA GLU D 39 -13.51 -7.31 -1.64
C GLU D 39 -14.40 -6.78 -0.52
N TRP D 40 -13.80 -6.06 0.43
CA TRP D 40 -14.53 -5.47 1.53
C TRP D 40 -14.24 -3.98 1.58
N TYR D 41 -15.24 -3.20 2.00
CA TYR D 41 -15.16 -1.74 2.10
C TYR D 41 -15.82 -1.25 3.37
N LEU D 42 -15.32 -0.13 3.90
CA LEU D 42 -15.92 0.46 5.09
C LEU D 42 -16.31 1.91 4.76
N GLN D 43 -17.61 2.18 4.71
CA GLN D 43 -18.09 3.53 4.43
C GLN D 43 -18.59 4.19 5.72
N LYS D 44 -17.77 5.08 6.29
CA LYS D 44 -18.16 5.76 7.52
C LYS D 44 -19.25 6.77 7.21
N PRO D 45 -20.14 7.05 8.18
CA PRO D 45 -21.22 8.01 7.94
C PRO D 45 -20.76 9.25 7.16
N GLY D 46 -21.42 9.47 6.03
CA GLY D 46 -21.12 10.60 5.17
C GLY D 46 -19.66 10.63 4.81
N GLN D 47 -19.16 9.56 4.19
CA GLN D 47 -17.75 9.49 3.84
C GLN D 47 -17.55 8.40 2.78
N SER D 48 -16.86 8.72 1.69
CA SER D 48 -16.63 7.73 0.63
C SER D 48 -16.15 6.43 1.22
N PRO D 49 -16.41 5.30 0.54
CA PRO D 49 -15.97 4.03 1.09
C PRO D 49 -14.47 3.79 0.95
N LYS D 50 -13.94 2.94 1.82
CA LYS D 50 -12.53 2.60 1.79
C LYS D 50 -12.41 1.13 1.47
N LEU D 51 -11.30 0.77 0.81
CA LEU D 51 -11.04 -0.61 0.47
C LEU D 51 -10.30 -1.19 1.67
N LEU D 52 -10.80 -2.32 2.17
CA LEU D 52 -10.19 -2.98 3.32
C LEU D 52 -9.40 -4.21 2.88
N ILE D 53 -10.10 -5.23 2.42
CA ILE D 53 -9.47 -6.47 1.98
C ILE D 53 -9.86 -6.76 0.52
N TYR D 54 -8.87 -6.77 -0.38
CA TYR D 54 -9.22 -7.00 -1.77
C TYR D 54 -9.46 -8.46 -2.13
N LYS D 55 -8.44 -9.28 -2.37
CA LYS D 55 -8.75 -10.69 -2.69
C LYS D 55 -9.44 -11.23 -1.48
N VAL D 56 -9.94 -12.46 -1.54
CA VAL D 56 -10.64 -12.99 -0.40
C VAL D 56 -9.96 -12.65 0.94
N SER D 57 -8.65 -12.41 0.92
CA SER D 57 -7.98 -12.16 2.19
C SER D 57 -6.76 -11.21 2.29
N ASN D 58 -6.50 -10.42 1.27
CA ASN D 58 -5.37 -9.49 1.33
C ASN D 58 -5.80 -8.18 2.02
N ARG D 59 -4.95 -7.61 2.86
CA ARG D 59 -5.29 -6.37 3.54
C ARG D 59 -4.66 -5.18 2.84
N PHE D 60 -5.52 -4.33 2.28
CA PHE D 60 -5.06 -3.14 1.59
C PHE D 60 -4.10 -2.33 2.46
N SER D 61 -3.06 -1.79 1.84
CA SER D 61 -2.07 -1.01 2.57
C SER D 61 -2.74 0.12 3.32
N GLY D 62 -2.28 0.34 4.55
CA GLY D 62 -2.86 1.40 5.34
C GLY D 62 -3.98 0.97 6.27
N VAL D 63 -4.64 -0.14 5.96
CA VAL D 63 -5.69 -0.65 6.83
C VAL D 63 -4.96 -1.38 7.97
N PRO D 64 -5.44 -1.22 9.21
CA PRO D 64 -4.78 -1.90 10.34
C PRO D 64 -5.02 -3.41 10.42
N ASP D 65 -4.07 -4.11 11.04
CA ASP D 65 -4.09 -5.56 11.24
C ASP D 65 -5.41 -6.12 11.77
N ARG D 66 -6.13 -5.33 12.55
CA ARG D 66 -7.39 -5.76 13.13
C ARG D 66 -8.25 -6.39 12.06
N PHE D 67 -8.21 -5.84 10.86
CA PHE D 67 -9.02 -6.35 9.76
C PHE D 67 -8.38 -7.51 9.02
N SER D 68 -9.26 -8.43 8.60
CA SER D 68 -8.85 -9.62 7.88
C SER D 68 -10.10 -10.30 7.35
N GLY D 69 -9.99 -10.89 6.16
CA GLY D 69 -11.12 -11.56 5.54
C GLY D 69 -10.72 -12.96 5.13
N SER D 70 -11.66 -13.75 4.63
CA SER D 70 -11.31 -15.11 4.26
C SER D 70 -12.47 -15.97 3.79
N GLY D 71 -12.19 -17.26 3.68
CA GLY D 71 -13.18 -18.26 3.29
C GLY D 71 -13.56 -18.39 1.85
N SER D 72 -12.67 -18.92 1.01
CA SER D 72 -13.00 -19.10 -0.41
C SER D 72 -14.26 -19.99 -0.55
N GLY D 73 -14.96 -19.85 -1.68
CA GLY D 73 -16.17 -20.64 -1.93
C GLY D 73 -17.40 -19.77 -2.24
N THR D 74 -18.43 -19.89 -1.41
CA THR D 74 -19.68 -19.11 -1.55
C THR D 74 -19.91 -18.39 -0.21
N ASP D 75 -19.12 -18.77 0.79
CA ASP D 75 -19.18 -18.15 2.11
C ASP D 75 -17.89 -17.41 2.40
N PHE D 76 -17.98 -16.08 2.51
CA PHE D 76 -16.80 -15.27 2.78
C PHE D 76 -17.08 -14.52 4.07
N THR D 77 -16.06 -14.32 4.89
CA THR D 77 -16.30 -13.64 6.15
C THR D 77 -15.19 -12.67 6.55
N LEU D 78 -15.61 -11.44 6.86
CA LEU D 78 -14.73 -10.36 7.29
C LEU D 78 -14.71 -10.38 8.83
N LYS D 79 -13.54 -10.25 9.43
CA LYS D 79 -13.41 -10.23 10.90
C LYS D 79 -12.52 -9.08 11.36
N ILE D 80 -12.83 -8.54 12.54
CA ILE D 80 -12.06 -7.44 13.11
C ILE D 80 -11.77 -7.77 14.58
N SER D 81 -10.51 -8.10 14.87
CA SER D 81 -10.06 -8.52 16.20
C SER D 81 -10.50 -7.66 17.38
N ARG D 82 -10.40 -6.34 17.23
CA ARG D 82 -10.83 -5.39 18.26
C ARG D 82 -11.43 -4.26 17.45
N VAL D 83 -12.62 -3.82 17.81
CA VAL D 83 -13.24 -2.76 17.05
C VAL D 83 -13.10 -1.40 17.70
N GLU D 84 -12.35 -0.52 17.05
CA GLU D 84 -12.15 0.84 17.51
C GLU D 84 -13.38 1.66 17.11
N ALA D 85 -13.61 2.79 17.76
CA ALA D 85 -14.75 3.62 17.42
C ALA D 85 -14.72 4.00 15.94
N GLU D 86 -13.53 4.27 15.42
CA GLU D 86 -13.36 4.64 14.03
C GLU D 86 -13.67 3.48 13.08
N ASP D 87 -14.10 2.34 13.60
CA ASP D 87 -14.43 1.22 12.72
C ASP D 87 -15.91 1.24 12.45
N LEU D 88 -16.66 1.88 13.35
CA LEU D 88 -18.09 2.00 13.21
C LEU D 88 -18.40 2.60 11.86
N GLY D 89 -19.37 2.02 11.18
CA GLY D 89 -19.76 2.47 9.87
C GLY D 89 -20.54 1.37 9.21
N VAL D 90 -20.58 1.38 7.89
CA VAL D 90 -21.29 0.35 7.16
C VAL D 90 -20.32 -0.33 6.23
N TYR D 91 -20.24 -1.65 6.38
CA TYR D 91 -19.36 -2.51 5.60
C TYR D 91 -20.14 -3.17 4.48
N TYR D 92 -19.52 -3.24 3.31
CA TYR D 92 -20.11 -3.84 2.13
C TYR D 92 -19.10 -4.84 1.60
N CYS D 93 -19.56 -5.97 1.09
CA CYS D 93 -18.64 -6.91 0.49
C CYS D 93 -18.91 -6.74 -1.01
N PHE D 94 -17.86 -6.75 -1.84
CA PHE D 94 -18.05 -6.59 -3.27
C PHE D 94 -17.56 -7.80 -4.07
N GLN D 95 -18.39 -8.25 -4.99
CA GLN D 95 -18.07 -9.35 -5.84
C GLN D 95 -17.50 -8.75 -7.14
N GLY D 96 -16.21 -8.98 -7.39
CA GLY D 96 -15.63 -8.42 -8.60
C GLY D 96 -15.20 -9.37 -9.69
N SER D 97 -15.50 -10.66 -9.60
CA SER D 97 -15.06 -11.59 -10.65
C SER D 97 -16.11 -12.04 -11.66
N HIS D 98 -17.34 -11.57 -11.54
CA HIS D 98 -18.40 -11.92 -12.47
C HIS D 98 -19.30 -10.72 -12.83
N VAL D 99 -19.29 -10.37 -14.12
CA VAL D 99 -20.09 -9.27 -14.63
C VAL D 99 -21.52 -9.77 -14.78
N PRO D 100 -22.53 -9.04 -14.25
CA PRO D 100 -22.56 -7.77 -13.48
C PRO D 100 -22.06 -7.77 -12.01
N TYR D 101 -20.92 -7.13 -11.78
CA TYR D 101 -20.32 -7.07 -10.44
C TYR D 101 -21.34 -6.59 -9.43
N THR D 102 -21.33 -7.14 -8.22
CA THR D 102 -22.33 -6.77 -7.21
C THR D 102 -21.81 -6.52 -5.79
N PHE D 103 -22.57 -5.72 -5.03
CA PHE D 103 -22.24 -5.37 -3.66
C PHE D 103 -23.18 -6.11 -2.72
N GLY D 104 -22.84 -6.14 -1.44
CA GLY D 104 -23.72 -6.78 -0.49
C GLY D 104 -24.67 -5.66 -0.12
N GLY D 105 -25.70 -5.96 0.66
CA GLY D 105 -26.61 -4.91 1.06
C GLY D 105 -26.02 -4.05 2.16
N GLY D 106 -24.89 -4.50 2.70
CA GLY D 106 -24.20 -3.77 3.75
C GLY D 106 -24.53 -4.32 5.12
N THR D 107 -23.74 -3.91 6.10
CA THR D 107 -23.92 -4.34 7.49
C THR D 107 -23.37 -3.26 8.43
N LYS D 108 -24.27 -2.43 8.93
CA LYS D 108 -23.88 -1.34 9.82
C LYS D 108 -23.21 -1.93 11.06
N LEU D 109 -22.14 -1.27 11.52
CA LEU D 109 -21.41 -1.74 12.69
C LEU D 109 -21.48 -0.68 13.78
N GLU D 110 -22.66 -0.53 14.38
CA GLU D 110 -22.83 0.48 15.41
C GLU D 110 -22.53 0.01 16.84
N ILE D 111 -22.41 0.97 17.75
CA ILE D 111 -22.14 0.69 19.16
C ILE D 111 -23.31 -0.06 19.80
N LYS D 112 -22.99 -1.09 20.57
CA LYS D 112 -24.01 -1.88 21.25
C LYS D 112 -24.22 -1.28 22.64
N ARG D 113 -23.56 -1.87 23.63
CA ARG D 113 -23.67 -1.39 25.00
C ARG D 113 -22.43 -0.57 25.37
N SER E 1 -40.60 18.63 -11.45
CA SER E 1 -41.53 19.03 -12.51
C SER E 1 -41.60 20.55 -12.65
N THR E 2 -41.04 21.08 -13.73
CA THR E 2 -41.05 22.53 -13.95
C THR E 2 -41.46 23.05 -15.34
N SER E 3 -40.49 23.49 -16.14
CA SER E 3 -40.76 24.03 -17.47
C SER E 3 -40.93 22.96 -18.56
N SER E 4 -42.01 23.11 -19.34
CA SER E 4 -42.35 22.19 -20.42
C SER E 4 -42.26 20.72 -19.99
N GLY E 5 -42.39 20.50 -18.68
CA GLY E 5 -42.32 19.15 -18.14
C GLY E 5 -43.31 18.98 -17.01
N GLY E 15 -37.74 -16.68 -12.60
CA GLY E 15 -37.16 -15.92 -11.52
C GLY E 15 -36.82 -14.50 -11.92
N GLY E 16 -36.43 -14.31 -13.18
CA GLY E 16 -36.07 -13.00 -13.69
C GLY E 16 -34.75 -12.49 -13.12
N SER E 17 -33.71 -13.30 -13.24
CA SER E 17 -32.38 -12.94 -12.73
C SER E 17 -31.26 -13.64 -13.51
N ALA E 18 -30.30 -12.85 -13.99
CA ALA E 18 -29.17 -13.38 -14.74
C ALA E 18 -27.84 -12.89 -14.16
N SER F 1 36.28 13.84 24.61
CA SER F 1 35.93 14.85 25.60
C SER F 1 35.79 16.28 25.06
N THR F 2 35.78 17.25 25.97
CA THR F 2 35.64 18.66 25.60
C THR F 2 36.89 19.23 24.92
N SER F 3 37.85 19.68 25.72
CA SER F 3 39.11 20.25 25.23
C SER F 3 39.86 20.94 26.37
N GLY F 12 37.97 -15.98 11.43
CA GLY F 12 37.17 -17.19 11.58
C GLY F 12 37.74 -18.37 10.82
N GLY F 13 36.88 -19.10 10.14
CA GLY F 13 37.33 -20.26 9.39
C GLY F 13 36.82 -20.29 7.96
N SER F 14 35.64 -19.73 7.73
CA SER F 14 35.04 -19.71 6.39
C SER F 14 36.01 -19.09 5.37
N GLY F 15 35.90 -19.53 4.12
CA GLY F 15 36.77 -19.03 3.06
C GLY F 15 36.94 -17.52 3.00
N GLY F 16 36.22 -16.89 2.08
CA GLY F 16 36.30 -15.44 1.95
C GLY F 16 35.08 -14.81 2.59
N SER F 17 35.06 -13.48 2.68
CA SER F 17 33.91 -12.80 3.26
C SER F 17 32.63 -13.27 2.58
N ALA F 18 31.64 -13.60 3.38
CA ALA F 18 30.36 -14.10 2.88
C ALA F 18 29.60 -13.11 1.99
#